data_7M27
#
_entry.id   7M27
#
_entity_poly.entity_id   1
_entity_poly.type   'polypeptide(L)'
_entity_poly.pdbx_seq_one_letter_code
;GLFPYGPD
;
_entity_poly.pdbx_strand_id   A
#
# COMPACT_ATOMS: atom_id res chain seq x y z
N GLY A 1 -0.80 0.26 3.83
CA GLY A 1 -0.32 1.59 3.64
C GLY A 1 -1.01 2.23 2.46
N LEU A 2 -0.48 3.31 1.96
CA LEU A 2 -1.08 3.99 0.83
C LEU A 2 -0.30 3.68 -0.44
N PHE A 3 1.01 3.69 -0.32
CA PHE A 3 1.88 3.44 -1.42
C PHE A 3 2.94 2.45 -0.98
N PRO A 4 2.99 1.25 -1.58
CA PRO A 4 2.07 0.84 -2.65
C PRO A 4 0.71 0.43 -2.09
N TYR A 5 -0.25 0.29 -2.98
CA TYR A 5 -1.62 -0.08 -2.61
C TYR A 5 -1.74 -1.56 -2.30
N GLY A 6 -0.75 -2.33 -2.73
CA GLY A 6 -0.73 -3.76 -2.45
C GLY A 6 -0.65 -4.06 -0.96
N PRO A 7 0.52 -3.84 -0.33
CA PRO A 7 0.68 -4.05 1.10
C PRO A 7 0.02 -2.92 1.89
N ASP A 8 -0.05 -3.09 3.21
CA ASP A 8 -0.66 -2.10 4.10
C ASP A 8 0.00 -0.74 3.95
N GLY A 1 -1.18 0.47 3.27
CA GLY A 1 -0.58 1.77 3.19
C GLY A 1 -1.20 2.55 2.07
N LEU A 2 -0.47 3.47 1.55
CA LEU A 2 -0.93 4.29 0.47
C LEU A 2 -0.17 3.92 -0.80
N PHE A 3 1.14 3.90 -0.71
CA PHE A 3 2.00 3.54 -1.81
C PHE A 3 3.05 2.56 -1.32
N PRO A 4 3.06 1.31 -1.83
CA PRO A 4 2.06 0.82 -2.78
C PRO A 4 0.77 0.45 -2.07
N TYR A 5 -0.29 0.24 -2.81
CA TYR A 5 -1.55 -0.11 -2.22
C TYR A 5 -1.67 -1.65 -2.11
N GLY A 6 -0.69 -2.33 -2.69
CA GLY A 6 -0.58 -3.78 -2.58
C GLY A 6 -0.53 -4.21 -1.10
N PRO A 7 0.48 -3.78 -0.35
CA PRO A 7 0.51 -3.95 1.09
C PRO A 7 -0.31 -2.83 1.74
N ASP A 8 -0.54 -2.90 3.03
CA ASP A 8 -1.29 -1.85 3.70
C ASP A 8 -0.52 -0.56 3.69
N GLY A 1 -1.14 0.21 3.13
CA GLY A 1 -0.69 1.53 2.83
C GLY A 1 -1.38 2.04 1.60
N LEU A 2 -1.07 3.25 1.20
CA LEU A 2 -1.68 3.85 0.03
C LEU A 2 -0.85 3.57 -1.21
N PHE A 3 0.43 3.82 -1.13
CA PHE A 3 1.33 3.58 -2.21
C PHE A 3 2.64 3.03 -1.66
N PRO A 4 2.99 1.77 -1.97
CA PRO A 4 2.16 0.87 -2.79
C PRO A 4 0.86 0.47 -2.08
N TYR A 5 -0.17 0.20 -2.85
CA TYR A 5 -1.48 -0.12 -2.32
C TYR A 5 -1.66 -1.60 -2.13
N GLY A 6 -0.72 -2.38 -2.67
CA GLY A 6 -0.71 -3.81 -2.50
C GLY A 6 -0.68 -4.18 -1.03
N PRO A 7 0.44 -3.92 -0.33
CA PRO A 7 0.52 -4.11 1.11
C PRO A 7 -0.29 -3.02 1.83
N ASP A 8 -0.28 -3.04 3.13
CA ASP A 8 -0.99 -2.03 3.92
C ASP A 8 -0.36 -0.68 3.69
N GLY A 1 -1.20 0.20 2.94
CA GLY A 1 -0.84 1.52 2.62
C GLY A 1 -1.58 1.96 1.40
N LEU A 2 -1.40 3.18 1.00
CA LEU A 2 -2.05 3.65 -0.19
C LEU A 2 -1.09 3.63 -1.35
N PHE A 3 0.19 3.60 -1.05
CA PHE A 3 1.22 3.51 -2.05
C PHE A 3 2.50 2.94 -1.41
N PRO A 4 2.92 1.71 -1.80
CA PRO A 4 2.18 0.84 -2.73
C PRO A 4 0.86 0.36 -2.08
N TYR A 5 -0.17 0.24 -2.89
CA TYR A 5 -1.50 -0.08 -2.40
C TYR A 5 -1.65 -1.58 -2.11
N GLY A 6 -0.78 -2.40 -2.71
CA GLY A 6 -0.80 -3.85 -2.49
C GLY A 6 -0.67 -4.19 -1.01
N PRO A 7 0.47 -3.87 -0.36
CA PRO A 7 0.62 -4.02 1.07
C PRO A 7 -0.22 -2.96 1.81
N ASP A 8 -0.17 -2.93 3.12
CA ASP A 8 -0.95 -1.95 3.86
C ASP A 8 -0.44 -0.56 3.64
N GLY A 1 -0.68 -0.22 4.15
CA GLY A 1 -0.02 1.04 4.35
C GLY A 1 -0.61 2.04 3.43
N LEU A 2 0.16 2.98 2.98
CA LEU A 2 -0.33 3.98 2.06
C LEU A 2 -0.01 3.56 0.63
N PHE A 3 1.24 3.66 0.28
CA PHE A 3 1.72 3.29 -1.04
C PHE A 3 2.88 2.35 -0.84
N PRO A 4 3.00 1.28 -1.63
CA PRO A 4 2.07 0.92 -2.72
C PRO A 4 0.71 0.44 -2.19
N TYR A 5 -0.27 0.33 -3.06
CA TYR A 5 -1.63 -0.06 -2.65
C TYR A 5 -1.71 -1.52 -2.26
N GLY A 6 -0.74 -2.30 -2.72
CA GLY A 6 -0.70 -3.72 -2.43
C GLY A 6 -0.63 -4.04 -0.94
N PRO A 7 0.53 -3.87 -0.28
CA PRO A 7 0.67 -4.15 1.14
C PRO A 7 -0.05 -3.10 2.00
N ASP A 8 -0.28 -3.44 3.25
CA ASP A 8 -0.99 -2.56 4.18
C ASP A 8 -0.16 -1.34 4.51
N GLY A 1 -0.64 0.17 3.68
CA GLY A 1 -0.26 1.54 3.57
C GLY A 1 -0.93 2.17 2.40
N LEU A 2 -0.58 3.38 2.09
CA LEU A 2 -1.15 4.09 0.97
C LEU A 2 -0.39 3.73 -0.29
N PHE A 3 0.92 3.68 -0.16
CA PHE A 3 1.80 3.37 -1.24
C PHE A 3 2.83 2.37 -0.76
N PRO A 4 2.90 1.19 -1.36
CA PRO A 4 2.09 0.78 -2.50
C PRO A 4 0.68 0.38 -2.08
N TYR A 5 -0.20 0.25 -3.06
CA TYR A 5 -1.60 -0.05 -2.82
C TYR A 5 -1.80 -1.52 -2.41
N GLY A 6 -0.85 -2.37 -2.75
CA GLY A 6 -0.92 -3.78 -2.38
C GLY A 6 -0.69 -4.01 -0.89
N PRO A 7 0.56 -3.79 -0.39
CA PRO A 7 0.89 -3.96 1.03
C PRO A 7 0.19 -2.91 1.90
N ASP A 8 0.31 -3.04 3.21
CA ASP A 8 -0.37 -2.15 4.14
C ASP A 8 0.18 -0.74 4.07
N GLY A 1 -0.70 0.39 3.76
CA GLY A 1 -0.15 1.70 3.62
C GLY A 1 -0.87 2.45 2.53
N LEU A 2 -0.28 3.49 2.05
CA LEU A 2 -0.85 4.26 0.96
C LEU A 2 -0.16 3.90 -0.33
N PHE A 3 1.15 3.75 -0.27
CA PHE A 3 1.92 3.39 -1.41
C PHE A 3 2.99 2.38 -1.00
N PRO A 4 3.03 1.21 -1.65
CA PRO A 4 2.06 0.82 -2.68
C PRO A 4 0.73 0.40 -2.06
N TYR A 5 -0.29 0.28 -2.90
CA TYR A 5 -1.62 -0.10 -2.48
C TYR A 5 -1.71 -1.60 -2.19
N GLY A 6 -0.75 -2.34 -2.75
CA GLY A 6 -0.66 -3.77 -2.53
C GLY A 6 -0.58 -4.14 -1.05
N PRO A 7 0.50 -3.74 -0.35
CA PRO A 7 0.62 -3.97 1.08
C PRO A 7 -0.08 -2.86 1.86
N ASP A 8 -0.08 -2.96 3.17
CA ASP A 8 -0.70 -1.96 4.02
C ASP A 8 0.03 -0.65 3.90
N GLY A 1 -1.21 0.19 3.20
CA GLY A 1 -0.74 1.53 3.16
C GLY A 1 -1.40 2.27 2.04
N LEU A 2 -0.78 3.33 1.61
CA LEU A 2 -1.32 4.18 0.55
C LEU A 2 -0.70 3.78 -0.77
N PHE A 3 0.60 3.84 -0.84
CA PHE A 3 1.33 3.48 -2.02
C PHE A 3 2.66 2.92 -1.57
N PRO A 4 3.00 1.67 -1.93
CA PRO A 4 2.15 0.80 -2.75
C PRO A 4 0.86 0.39 -2.04
N TYR A 5 -0.20 0.22 -2.80
CA TYR A 5 -1.49 -0.12 -2.25
C TYR A 5 -1.71 -1.63 -2.24
N GLY A 6 -0.72 -2.38 -2.67
CA GLY A 6 -0.74 -3.82 -2.53
C GLY A 6 -0.64 -4.19 -1.05
N PRO A 7 0.46 -3.81 -0.36
CA PRO A 7 0.60 -3.97 1.09
C PRO A 7 -0.31 -2.97 1.81
N ASP A 8 -0.34 -3.01 3.10
CA ASP A 8 -1.20 -2.11 3.84
C ASP A 8 -0.61 -0.72 3.90
N GLY A 1 0.46 -0.38 3.52
CA GLY A 1 0.76 1.02 3.49
C GLY A 1 -0.14 1.80 2.58
N LEU A 2 0.06 3.10 2.54
CA LEU A 2 -0.68 3.97 1.67
C LEU A 2 -0.10 3.87 0.26
N PHE A 3 1.15 3.52 0.19
CA PHE A 3 1.81 3.25 -1.05
C PHE A 3 2.94 2.27 -0.78
N PRO A 4 3.03 1.17 -1.55
CA PRO A 4 2.09 0.81 -2.63
C PRO A 4 0.73 0.35 -2.08
N TYR A 5 -0.26 0.25 -2.95
CA TYR A 5 -1.63 -0.09 -2.56
C TYR A 5 -1.80 -1.58 -2.32
N GLY A 6 -0.80 -2.36 -2.73
CA GLY A 6 -0.80 -3.79 -2.48
C GLY A 6 -0.58 -4.10 -1.00
N PRO A 7 0.56 -3.67 -0.40
CA PRO A 7 0.82 -3.82 1.04
C PRO A 7 -0.13 -2.99 1.93
N ASP A 8 0.11 -3.06 3.23
CA ASP A 8 -0.70 -2.39 4.27
C ASP A 8 -0.52 -0.86 4.26
N GLY A 1 -1.29 0.17 3.32
CA GLY A 1 -0.75 1.50 3.27
C GLY A 1 -1.43 2.28 2.20
N LEU A 2 -0.81 3.34 1.76
CA LEU A 2 -1.37 4.15 0.71
C LEU A 2 -0.74 3.79 -0.62
N PHE A 3 0.58 3.88 -0.68
CA PHE A 3 1.30 3.53 -1.88
C PHE A 3 2.66 2.95 -1.50
N PRO A 4 3.00 1.74 -2.00
CA PRO A 4 2.13 0.93 -2.87
C PRO A 4 0.89 0.43 -2.12
N TYR A 5 -0.20 0.24 -2.83
CA TYR A 5 -1.45 -0.12 -2.19
C TYR A 5 -1.61 -1.62 -2.05
N GLY A 6 -0.68 -2.37 -2.65
CA GLY A 6 -0.67 -3.82 -2.54
C GLY A 6 -0.62 -4.26 -1.08
N PRO A 7 0.42 -3.88 -0.32
CA PRO A 7 0.44 -4.09 1.11
C PRO A 7 -0.38 -2.99 1.82
N ASP A 8 -0.57 -3.13 3.12
CA ASP A 8 -1.34 -2.16 3.88
C ASP A 8 -0.65 -0.80 3.90
N GLY A 1 -0.80 0.28 3.24
CA GLY A 1 -0.40 1.61 2.92
C GLY A 1 -1.27 2.14 1.81
N LEU A 2 -1.03 3.32 1.34
CA LEU A 2 -1.80 3.83 0.22
C LEU A 2 -1.03 3.62 -1.07
N PHE A 3 0.27 3.69 -0.96
CA PHE A 3 1.16 3.46 -2.06
C PHE A 3 2.50 2.98 -1.52
N PRO A 4 2.94 1.75 -1.86
CA PRO A 4 2.18 0.79 -2.69
C PRO A 4 0.85 0.39 -2.03
N TYR A 5 -0.16 0.20 -2.85
CA TYR A 5 -1.50 -0.11 -2.39
C TYR A 5 -1.71 -1.61 -2.22
N GLY A 6 -0.76 -2.38 -2.71
CA GLY A 6 -0.79 -3.82 -2.52
C GLY A 6 -0.69 -4.18 -1.03
N PRO A 7 0.42 -3.85 -0.36
CA PRO A 7 0.58 -4.05 1.08
C PRO A 7 -0.13 -2.92 1.86
N ASP A 8 0.01 -2.96 3.17
CA ASP A 8 -0.62 -1.96 4.03
C ASP A 8 -0.02 -0.59 3.80
N GLY A 1 -0.28 0.26 3.68
CA GLY A 1 0.41 1.49 3.49
C GLY A 1 -0.35 2.41 2.58
N LEU A 2 0.20 3.58 2.33
CA LEU A 2 -0.41 4.54 1.49
C LEU A 2 -0.06 4.21 0.03
N PHE A 3 1.21 3.95 -0.18
CA PHE A 3 1.71 3.52 -1.47
C PHE A 3 2.96 2.70 -1.22
N PRO A 4 3.08 1.49 -1.81
CA PRO A 4 2.08 0.91 -2.74
C PRO A 4 0.74 0.51 -2.08
N TYR A 5 -0.24 0.27 -2.93
CA TYR A 5 -1.59 -0.10 -2.51
C TYR A 5 -1.69 -1.59 -2.25
N GLY A 6 -0.70 -2.34 -2.71
CA GLY A 6 -0.67 -3.77 -2.50
C GLY A 6 -0.67 -4.14 -1.01
N PRO A 7 0.44 -3.90 -0.30
CA PRO A 7 0.53 -4.15 1.14
C PRO A 7 -0.06 -2.99 1.96
N ASP A 8 0.03 -3.10 3.27
CA ASP A 8 -0.47 -2.08 4.19
C ASP A 8 0.37 -0.82 4.04
N GLY A 1 -1.13 0.43 3.44
CA GLY A 1 -0.53 1.74 3.40
C GLY A 1 -1.05 2.53 2.24
N LEU A 2 -0.39 3.60 1.90
CA LEU A 2 -0.82 4.47 0.82
C LEU A 2 -0.32 3.93 -0.50
N PHE A 3 0.97 4.01 -0.70
CA PHE A 3 1.60 3.59 -1.91
C PHE A 3 2.88 2.87 -1.53
N PRO A 4 3.07 1.60 -1.95
CA PRO A 4 2.11 0.86 -2.78
C PRO A 4 0.83 0.48 -2.05
N TYR A 5 -0.21 0.18 -2.80
CA TYR A 5 -1.50 -0.13 -2.20
C TYR A 5 -1.67 -1.65 -2.10
N GLY A 6 -0.72 -2.38 -2.67
CA GLY A 6 -0.68 -3.83 -2.56
C GLY A 6 -0.59 -4.24 -1.09
N PRO A 7 0.45 -3.81 -0.36
CA PRO A 7 0.52 -3.97 1.08
C PRO A 7 -0.38 -2.93 1.76
N ASP A 8 -0.39 -2.91 3.06
CA ASP A 8 -1.20 -1.92 3.76
C ASP A 8 -0.45 -0.61 3.79
N GLY A 1 -0.91 0.21 3.47
CA GLY A 1 -0.34 1.51 3.41
C GLY A 1 -1.01 2.30 2.32
N LEU A 2 -0.47 3.44 1.99
CA LEU A 2 -1.00 4.25 0.94
C LEU A 2 -0.27 3.95 -0.37
N PHE A 3 1.03 3.79 -0.27
CA PHE A 3 1.83 3.48 -1.41
C PHE A 3 2.92 2.51 -0.98
N PRO A 4 3.01 1.33 -1.62
CA PRO A 4 2.10 0.90 -2.70
C PRO A 4 0.75 0.47 -2.13
N TYR A 5 -0.25 0.29 -2.99
CA TYR A 5 -1.59 -0.10 -2.51
C TYR A 5 -1.70 -1.58 -2.21
N GLY A 6 -0.76 -2.37 -2.71
CA GLY A 6 -0.74 -3.80 -2.46
C GLY A 6 -0.65 -4.12 -0.98
N PRO A 7 0.51 -3.87 -0.34
CA PRO A 7 0.64 -4.05 1.10
C PRO A 7 -0.08 -2.92 1.83
N ASP A 8 -0.39 -3.13 3.09
CA ASP A 8 -1.10 -2.13 3.88
C ASP A 8 -0.31 -0.83 3.98
N GLY A 1 -0.64 -0.04 3.47
CA GLY A 1 -0.07 1.28 3.43
C GLY A 1 -0.75 2.06 2.35
N LEU A 2 -0.24 3.21 2.05
CA LEU A 2 -0.81 4.03 1.02
C LEU A 2 -0.10 3.75 -0.29
N PHE A 3 1.21 3.73 -0.24
CA PHE A 3 2.01 3.51 -1.40
C PHE A 3 3.07 2.47 -1.09
N PRO A 4 3.06 1.30 -1.76
CA PRO A 4 2.06 0.93 -2.77
C PRO A 4 0.76 0.44 -2.15
N TYR A 5 -0.29 0.33 -2.96
CA TYR A 5 -1.60 -0.06 -2.48
C TYR A 5 -1.74 -1.59 -2.30
N GLY A 6 -0.69 -2.30 -2.66
CA GLY A 6 -0.65 -3.74 -2.48
C GLY A 6 -0.60 -4.11 -0.99
N PRO A 7 0.52 -3.82 -0.29
CA PRO A 7 0.64 -4.08 1.14
C PRO A 7 -0.21 -3.11 1.97
N ASP A 8 -0.14 -3.20 3.27
CA ASP A 8 -0.89 -2.30 4.11
C ASP A 8 -0.16 -0.98 4.22
N GLY A 1 -0.78 0.45 3.25
CA GLY A 1 -0.21 1.76 3.13
C GLY A 1 -0.83 2.48 1.98
N LEU A 2 -0.29 3.63 1.64
CA LEU A 2 -0.82 4.40 0.51
C LEU A 2 -0.03 4.07 -0.73
N PHE A 3 1.24 3.86 -0.56
CA PHE A 3 2.08 3.47 -1.65
C PHE A 3 3.06 2.45 -1.14
N PRO A 4 3.05 1.23 -1.68
CA PRO A 4 2.08 0.79 -2.70
C PRO A 4 0.73 0.41 -2.06
N TYR A 5 -0.29 0.26 -2.87
CA TYR A 5 -1.61 -0.12 -2.40
C TYR A 5 -1.69 -1.61 -2.15
N GLY A 6 -0.76 -2.35 -2.75
CA GLY A 6 -0.67 -3.79 -2.55
C GLY A 6 -0.55 -4.16 -1.07
N PRO A 7 0.52 -3.72 -0.38
CA PRO A 7 0.64 -3.90 1.07
C PRO A 7 -0.20 -2.84 1.81
N ASP A 8 -0.16 -2.85 3.12
CA ASP A 8 -0.88 -1.85 3.90
C ASP A 8 -0.15 -0.52 3.85
N GLY A 1 -0.66 0.35 3.64
CA GLY A 1 -0.25 1.72 3.46
C GLY A 1 -0.92 2.33 2.26
N LEU A 2 -0.46 3.48 1.86
CA LEU A 2 -0.98 4.14 0.68
C LEU A 2 -0.17 3.76 -0.52
N PHE A 3 1.13 3.78 -0.36
CA PHE A 3 2.02 3.45 -1.44
C PHE A 3 3.01 2.39 -0.97
N PRO A 4 3.02 1.20 -1.57
CA PRO A 4 2.07 0.80 -2.61
C PRO A 4 0.72 0.38 -2.04
N TYR A 5 -0.26 0.26 -2.91
CA TYR A 5 -1.62 -0.12 -2.52
C TYR A 5 -1.75 -1.61 -2.30
N GLY A 6 -0.77 -2.36 -2.76
CA GLY A 6 -0.75 -3.79 -2.53
C GLY A 6 -0.62 -4.11 -1.03
N PRO A 7 0.49 -3.73 -0.39
CA PRO A 7 0.69 -3.92 1.05
C PRO A 7 0.03 -2.82 1.90
N ASP A 8 0.21 -2.91 3.21
CA ASP A 8 -0.34 -1.97 4.18
C ASP A 8 0.20 -0.57 3.99
N GLY A 1 -0.54 0.18 3.52
CA GLY A 1 0.09 1.45 3.38
C GLY A 1 -0.60 2.25 2.32
N LEU A 2 -0.02 3.34 1.95
CA LEU A 2 -0.60 4.20 0.96
C LEU A 2 0.01 3.87 -0.38
N PHE A 3 1.34 3.85 -0.41
CA PHE A 3 2.09 3.51 -1.59
C PHE A 3 3.12 2.48 -1.20
N PRO A 4 3.06 1.25 -1.75
CA PRO A 4 2.05 0.83 -2.73
C PRO A 4 0.74 0.43 -2.08
N TYR A 5 -0.29 0.28 -2.90
CA TYR A 5 -1.61 -0.10 -2.43
C TYR A 5 -1.72 -1.60 -2.23
N GLY A 6 -0.71 -2.30 -2.71
CA GLY A 6 -0.62 -3.74 -2.53
C GLY A 6 -0.55 -4.13 -1.06
N PRO A 7 0.49 -3.74 -0.32
CA PRO A 7 0.59 -4.02 1.10
C PRO A 7 -0.16 -2.96 1.92
N ASP A 8 -0.11 -3.07 3.22
CA ASP A 8 -0.74 -2.11 4.11
C ASP A 8 0.05 -0.81 4.08
N GLY A 1 -0.87 0.21 3.86
CA GLY A 1 -0.51 1.59 3.64
C GLY A 1 -1.27 2.19 2.47
N LEU A 2 -0.79 3.29 1.96
CA LEU A 2 -1.40 3.96 0.83
C LEU A 2 -0.68 3.55 -0.44
N PHE A 3 0.61 3.75 -0.45
CA PHE A 3 1.44 3.40 -1.54
C PHE A 3 2.66 2.62 -1.03
N PRO A 4 2.96 1.44 -1.61
CA PRO A 4 2.13 0.83 -2.65
C PRO A 4 0.78 0.35 -2.08
N TYR A 5 -0.20 0.25 -2.95
CA TYR A 5 -1.56 -0.10 -2.57
C TYR A 5 -1.68 -1.56 -2.17
N GLY A 6 -0.83 -2.40 -2.76
CA GLY A 6 -0.81 -3.82 -2.49
C GLY A 6 -0.63 -4.15 -1.01
N PRO A 7 0.48 -3.75 -0.36
CA PRO A 7 0.67 -3.98 1.04
C PRO A 7 -0.03 -2.93 1.90
N ASP A 8 0.13 -3.05 3.19
CA ASP A 8 -0.45 -2.16 4.18
C ASP A 8 0.04 -0.73 3.97
N GLY A 1 -0.56 0.39 3.10
CA GLY A 1 0.00 1.70 3.05
C GLY A 1 -0.63 2.49 1.95
N LEU A 2 -0.29 3.75 1.86
CA LEU A 2 -0.82 4.62 0.84
C LEU A 2 -0.11 4.35 -0.48
N PHE A 3 1.09 3.85 -0.39
CA PHE A 3 1.86 3.44 -1.53
C PHE A 3 2.93 2.47 -1.03
N PRO A 4 2.99 1.24 -1.56
CA PRO A 4 2.09 0.77 -2.61
C PRO A 4 0.72 0.39 -2.02
N TYR A 5 -0.23 0.21 -2.90
CA TYR A 5 -1.59 -0.10 -2.52
C TYR A 5 -1.76 -1.59 -2.28
N GLY A 6 -0.79 -2.37 -2.76
CA GLY A 6 -0.78 -3.80 -2.49
C GLY A 6 -0.64 -4.06 -0.99
N PRO A 7 0.54 -3.79 -0.40
CA PRO A 7 0.75 -3.90 1.05
C PRO A 7 -0.03 -2.80 1.77
N ASP A 8 -0.04 -2.84 3.08
CA ASP A 8 -0.81 -1.88 3.84
C ASP A 8 -0.10 -0.53 3.90
#